data_2YHG
#
_entry.id   2YHG
#
_cell.length_a   54.580
_cell.length_b   61.580
_cell.length_c   125.460
_cell.angle_alpha   90.00
_cell.angle_beta   90.00
_cell.angle_gamma   90.00
#
_symmetry.space_group_name_H-M   'P 21 21 21'
#
loop_
_entity.id
_entity.type
_entity.pdbx_description
1 polymer 'CELLULOSE-BINDING PROTEIN'
2 non-polymer 'CALCIUM ION'
3 non-polymer 'CHLORIDE ION'
4 non-polymer 'MAGNESIUM ION'
5 non-polymer 'ZINC ION'
6 non-polymer 1,2-ETHANEDIOL
7 non-polymer 2-[BIS-(2-HYDROXY-ETHYL)-AMINO]-2-HYDROXYMETHYL-PROPANE-1,3-DIOL
8 water water
#
_entity_poly.entity_id   1
_entity_poly.type   'polypeptide(L)'
_entity_poly.pdbx_seq_one_letter_code
;MGSSHHHHHHSSGLVPRGSHMARGEGGRYRVIHTTDMGADPDDEQSLVRQLVMANEYDLEGIITTTGCWKKSTSNTAYVD
RILNAYSQAYPNLSKHAEGFPTPAYLDSINVMGQRGYGMGDVGSGKDSAGSNLIIAAVDKDDPRPVWATCWGGCNTIAQA
VWKVQNTRSQAQLDAFISKLRVYDILGQDNAGTWLAKNFPNLIYIRARSVYSWQPSDSYLDNHIQSHGALGAVYPNRRYA
TEGDTPAFLHMANPGLNDPSVVSMGGWGGRFPSKQAGVRGMSCMSGEDAVYDTYYMYTENGESIKRWSTAIHNDFQARMD
WAIESNYSAANHHPVPVVNNDANEAVMYLNASAGSTVSLDASGSSDPDGDSLNYSWSHYGEADSYSGSVSISNSSSASAN
VQIPSNAGGKDIHILLTLRDNGSPNLYAYRRVVINVQ
;
_entity_poly.pdbx_strand_id   A
#
# COMPACT_ATOMS: atom_id res chain seq x y z
N GLY A 27 -5.52 2.40 13.23
CA GLY A 27 -5.05 1.08 12.68
C GLY A 27 -5.31 0.96 11.18
N ARG A 28 -5.63 2.08 10.52
CA ARG A 28 -5.84 2.07 9.08
C ARG A 28 -5.26 3.32 8.48
N TYR A 29 -4.80 3.18 7.25
CA TYR A 29 -4.34 4.31 6.46
C TYR A 29 -5.42 4.74 5.46
N ARG A 30 -5.35 6.01 5.08
CA ARG A 30 -6.28 6.63 4.15
C ARG A 30 -5.67 6.56 2.76
N VAL A 31 -6.43 6.07 1.80
CA VAL A 31 -5.90 5.89 0.46
CA VAL A 31 -5.90 5.89 0.46
C VAL A 31 -6.95 6.23 -0.59
N ILE A 32 -6.51 6.92 -1.66
CA ILE A 32 -7.30 7.21 -2.82
C ILE A 32 -6.49 6.66 -4.00
N HIS A 33 -7.16 5.90 -4.87
CA HIS A 33 -6.52 5.37 -6.07
C HIS A 33 -7.01 6.09 -7.29
N THR A 34 -6.08 6.41 -8.19
CA THR A 34 -6.41 6.84 -9.53
C THR A 34 -5.88 5.79 -10.50
N THR A 35 -6.69 5.42 -11.49
CA THR A 35 -6.39 4.24 -12.30
C THR A 35 -6.83 4.45 -13.75
N ASP A 36 -5.98 4.07 -14.67
CA ASP A 36 -6.24 4.15 -16.10
C ASP A 36 -6.90 2.89 -16.62
N MET A 37 -8.06 2.55 -16.07
CA MET A 37 -8.82 1.37 -16.49
C MET A 37 -8.96 1.32 -17.99
N GLY A 38 -8.78 0.12 -18.52
CA GLY A 38 -8.84 -0.13 -19.97
C GLY A 38 -7.48 -0.24 -20.62
N ALA A 39 -6.43 0.31 -20.02
CA ALA A 39 -5.10 0.19 -20.60
C ALA A 39 -4.63 -1.25 -20.59
N ASP A 40 -4.90 -1.96 -19.50
CA ASP A 40 -4.42 -3.31 -19.33
CA ASP A 40 -4.27 -3.27 -19.23
C ASP A 40 -5.24 -3.96 -18.24
N PRO A 41 -5.48 -5.26 -18.34
CA PRO A 41 -6.30 -5.92 -17.34
C PRO A 41 -5.74 -5.83 -15.92
N ASP A 42 -4.46 -5.56 -15.75
CA ASP A 42 -3.91 -5.52 -14.42
C ASP A 42 -4.61 -4.55 -13.50
N ASP A 43 -5.10 -3.42 -13.98
CA ASP A 43 -5.80 -2.50 -13.08
C ASP A 43 -7.06 -3.17 -12.50
N GLU A 44 -7.77 -3.93 -13.34
CA GLU A 44 -8.93 -4.65 -12.85
C GLU A 44 -8.56 -5.66 -11.77
N GLN A 45 -7.51 -6.42 -12.03
CA GLN A 45 -6.99 -7.36 -11.07
C GLN A 45 -6.69 -6.68 -9.74
N SER A 46 -5.96 -5.58 -9.81
CA SER A 46 -5.56 -4.86 -8.62
C SER A 46 -6.75 -4.36 -7.83
N LEU A 47 -7.78 -3.84 -8.51
CA LEU A 47 -8.93 -3.36 -7.79
C LEU A 47 -9.64 -4.51 -7.05
N VAL A 48 -9.73 -5.69 -7.68
CA VAL A 48 -10.33 -6.82 -6.98
C VAL A 48 -9.57 -7.14 -5.69
N ARG A 49 -8.25 -7.21 -5.77
CA ARG A 49 -7.48 -7.47 -4.56
C ARG A 49 -7.68 -6.38 -3.51
N GLN A 50 -7.65 -5.12 -3.93
CA GLN A 50 -7.84 -4.04 -2.98
C GLN A 50 -9.21 -4.19 -2.30
N LEU A 51 -10.23 -4.56 -3.05
CA LEU A 51 -11.57 -4.65 -2.45
C LEU A 51 -11.67 -5.75 -1.40
N VAL A 52 -11.07 -6.90 -1.63
CA VAL A 52 -11.14 -7.96 -0.61
C VAL A 52 -10.19 -7.71 0.55
N MET A 53 -9.32 -6.72 0.41
CA MET A 53 -8.45 -6.20 1.48
C MET A 53 -9.03 -4.92 2.12
N ALA A 54 -10.19 -4.47 1.68
CA ALA A 54 -10.59 -3.08 1.98
C ALA A 54 -10.90 -2.85 3.44
N ASN A 55 -11.20 -3.90 4.20
CA ASN A 55 -11.40 -3.77 5.63
C ASN A 55 -10.14 -3.26 6.36
N GLU A 56 -8.97 -3.37 5.73
CA GLU A 56 -7.71 -2.97 6.34
C GLU A 56 -7.36 -1.51 6.09
N TYR A 57 -8.19 -0.80 5.33
CA TYR A 57 -7.90 0.56 4.85
C TYR A 57 -9.08 1.46 5.16
N ASP A 58 -8.86 2.75 5.01
CA ASP A 58 -9.92 3.70 4.75
C ASP A 58 -9.79 4.18 3.32
N LEU A 59 -10.42 3.43 2.42
CA LEU A 59 -10.41 3.79 1.01
CA LEU A 59 -10.45 3.82 1.01
C LEU A 59 -11.36 4.99 0.84
N GLU A 60 -10.86 6.04 0.18
CA GLU A 60 -11.60 7.29 0.06
C GLU A 60 -11.82 7.73 -1.38
N GLY A 61 -11.30 6.99 -2.36
CA GLY A 61 -11.60 7.29 -3.75
C GLY A 61 -11.16 6.18 -4.68
N ILE A 62 -11.96 5.94 -5.70
CA ILE A 62 -11.62 5.07 -6.81
C ILE A 62 -11.86 5.88 -8.06
N ILE A 63 -10.80 6.42 -8.64
CA ILE A 63 -10.91 7.45 -9.64
C ILE A 63 -10.43 6.93 -11.00
N THR A 64 -11.32 6.93 -11.99
CA THR A 64 -10.97 6.48 -13.32
C THR A 64 -10.38 7.66 -14.12
N THR A 65 -9.21 7.43 -14.71
CA THR A 65 -8.46 8.49 -15.37
C THR A 65 -7.55 7.88 -16.45
N THR A 66 -6.49 8.61 -16.80
CA THR A 66 -5.66 8.35 -17.96
C THR A 66 -4.24 8.05 -17.54
N GLY A 67 -3.45 7.71 -18.55
CA GLY A 67 -1.99 7.68 -18.46
C GLY A 67 -1.44 7.49 -19.86
N CYS A 68 -0.13 7.37 -20.02
CA CYS A 68 0.42 7.33 -21.35
C CYS A 68 0.08 6.08 -22.13
N TRP A 69 -0.45 5.05 -21.47
CA TRP A 69 -0.96 3.86 -22.14
C TRP A 69 -2.46 3.93 -22.43
N LYS A 70 -3.14 4.98 -21.99
CA LYS A 70 -4.57 5.15 -22.18
CA LYS A 70 -4.56 5.18 -22.29
C LYS A 70 -4.86 6.63 -22.02
N LYS A 71 -4.71 7.40 -23.09
CA LYS A 71 -4.69 8.84 -22.99
C LYS A 71 -6.04 9.51 -22.92
N SER A 72 -7.10 8.77 -23.13
CA SER A 72 -8.46 9.30 -23.05
CA SER A 72 -8.46 9.30 -23.03
C SER A 72 -9.34 8.30 -22.31
N THR A 73 -10.27 8.80 -21.52
CA THR A 73 -11.27 7.95 -20.91
C THR A 73 -12.58 8.76 -20.76
N SER A 74 -13.69 8.05 -20.62
CA SER A 74 -14.99 8.69 -20.67
C SER A 74 -16.00 8.26 -19.62
N ASN A 75 -15.83 7.12 -18.97
CA ASN A 75 -16.83 6.66 -18.02
C ASN A 75 -16.17 5.68 -17.05
N THR A 76 -16.92 5.28 -16.03
CA THR A 76 -16.42 4.40 -15.00
C THR A 76 -16.89 2.95 -15.15
N ALA A 77 -17.20 2.49 -16.38
CA ALA A 77 -17.85 1.19 -16.52
C ALA A 77 -17.01 0.03 -16.00
N TYR A 78 -15.68 0.05 -16.14
CA TYR A 78 -14.87 -1.02 -15.54
C TYR A 78 -15.07 -1.12 -14.02
N VAL A 79 -14.97 0.01 -13.35
CA VAL A 79 -15.14 0.05 -11.93
C VAL A 79 -16.59 -0.31 -11.55
N ASP A 80 -17.57 0.17 -12.32
CA ASP A 80 -18.96 -0.14 -12.01
C ASP A 80 -19.14 -1.65 -11.96
N ARG A 81 -18.58 -2.36 -12.95
CA ARG A 81 -18.72 -3.80 -13.08
CA ARG A 81 -18.77 -3.79 -13.03
C ARG A 81 -18.09 -4.51 -11.88
N ILE A 82 -16.91 -4.07 -11.47
CA ILE A 82 -16.22 -4.67 -10.36
C ILE A 82 -16.98 -4.38 -9.04
N LEU A 83 -17.49 -3.18 -8.87
CA LEU A 83 -18.28 -2.86 -7.67
C LEU A 83 -19.61 -3.61 -7.63
N ASN A 84 -20.18 -3.96 -8.78
CA ASN A 84 -21.37 -4.81 -8.77
C ASN A 84 -21.02 -6.18 -8.22
N ALA A 85 -19.88 -6.73 -8.63
CA ALA A 85 -19.39 -7.99 -8.07
C ALA A 85 -19.11 -7.86 -6.57
N TYR A 86 -18.52 -6.75 -6.16
CA TYR A 86 -18.28 -6.52 -4.74
C TYR A 86 -19.58 -6.57 -3.95
N SER A 87 -20.62 -5.97 -4.50
CA SER A 87 -21.88 -5.95 -3.79
CA SER A 87 -21.92 -5.96 -3.84
C SER A 87 -22.42 -7.38 -3.58
N GLN A 88 -22.13 -8.29 -4.50
CA GLN A 88 -22.53 -9.68 -4.34
C GLN A 88 -21.69 -10.42 -3.30
N ALA A 89 -20.42 -10.04 -3.16
CA ALA A 89 -19.48 -10.67 -2.22
C ALA A 89 -19.60 -10.09 -0.81
N TYR A 90 -20.05 -8.86 -0.71
CA TYR A 90 -20.03 -8.10 0.54
C TYR A 90 -20.75 -8.78 1.72
N PRO A 91 -21.89 -9.47 1.47
CA PRO A 91 -22.53 -10.14 2.61
C PRO A 91 -21.62 -11.18 3.23
N ASN A 92 -20.88 -11.92 2.42
CA ASN A 92 -19.92 -12.87 2.94
C ASN A 92 -18.70 -12.18 3.54
N LEU A 93 -18.08 -11.26 2.81
CA LEU A 93 -16.88 -10.60 3.30
C LEU A 93 -17.11 -10.07 4.69
N SER A 94 -18.25 -9.44 4.90
CA SER A 94 -18.55 -8.78 6.15
C SER A 94 -18.76 -9.77 7.32
N LYS A 95 -18.84 -11.06 7.02
CA LYS A 95 -18.87 -12.07 8.09
C LYS A 95 -17.48 -12.46 8.54
N HIS A 96 -16.46 -12.07 7.79
CA HIS A 96 -15.10 -12.49 8.05
C HIS A 96 -14.20 -11.46 8.70
N ALA A 97 -14.57 -10.19 8.60
CA ALA A 97 -13.81 -9.13 9.24
C ALA A 97 -14.71 -7.93 9.42
N GLU A 98 -14.37 -7.10 10.41
CA GLU A 98 -15.05 -5.83 10.58
C GLU A 98 -14.49 -4.78 9.63
N GLY A 99 -15.34 -3.86 9.23
CA GLY A 99 -14.87 -2.65 8.55
C GLY A 99 -14.79 -2.74 7.05
N PHE A 100 -15.40 -3.74 6.41
CA PHE A 100 -15.52 -3.66 4.95
C PHE A 100 -16.39 -2.48 4.59
N PRO A 101 -15.99 -1.69 3.61
CA PRO A 101 -16.84 -0.57 3.22
C PRO A 101 -18.13 -1.05 2.55
N THR A 102 -19.23 -0.32 2.77
CA THR A 102 -20.48 -0.75 2.16
C THR A 102 -20.42 -0.55 0.64
N PRO A 103 -21.20 -1.35 -0.09
CA PRO A 103 -21.32 -1.11 -1.51
C PRO A 103 -21.79 0.29 -1.84
N ALA A 104 -22.71 0.83 -1.05
CA ALA A 104 -23.19 2.17 -1.31
C ALA A 104 -22.07 3.21 -1.14
N TYR A 105 -21.27 3.05 -0.09
CA TYR A 105 -20.16 3.97 0.11
C TYR A 105 -19.18 3.91 -1.07
N LEU A 106 -18.83 2.72 -1.51
CA LEU A 106 -17.90 2.59 -2.62
C LEU A 106 -18.47 3.20 -3.89
N ASP A 107 -19.77 3.02 -4.12
CA ASP A 107 -20.38 3.66 -5.27
C ASP A 107 -20.19 5.17 -5.20
N SER A 108 -20.30 5.76 -4.00
CA SER A 108 -20.21 7.19 -3.84
C SER A 108 -18.84 7.79 -4.13
N ILE A 109 -17.80 6.96 -4.07
CA ILE A 109 -16.42 7.39 -4.29
C ILE A 109 -15.84 6.84 -5.61
N ASN A 110 -16.70 6.30 -6.45
CA ASN A 110 -16.39 5.82 -7.79
C ASN A 110 -16.68 6.95 -8.75
N VAL A 111 -15.64 7.68 -9.16
CA VAL A 111 -15.81 8.90 -9.92
C VAL A 111 -14.77 9.02 -11.01
N MET A 112 -15.02 9.93 -11.96
CA MET A 112 -14.08 10.26 -12.99
C MET A 112 -13.05 11.26 -12.52
N GLY A 113 -11.81 11.05 -12.90
CA GLY A 113 -10.73 12.01 -12.80
C GLY A 113 -10.49 12.71 -14.11
N GLN A 114 -9.24 13.06 -14.39
CA GLN A 114 -8.95 13.76 -15.65
C GLN A 114 -9.23 12.80 -16.80
N ARG A 115 -9.85 13.34 -17.87
CA ARG A 115 -10.24 12.55 -19.03
C ARG A 115 -9.21 12.59 -20.15
N GLY A 116 -8.23 13.46 -20.04
CA GLY A 116 -7.14 13.58 -20.99
C GLY A 116 -5.81 13.39 -20.33
N TYR A 117 -4.74 13.47 -21.14
CA TYR A 117 -3.42 13.02 -20.73
C TYR A 117 -2.54 14.10 -20.09
N GLY A 118 -1.93 13.74 -18.97
CA GLY A 118 -0.82 14.46 -18.42
C GLY A 118 -1.14 15.90 -18.07
N MET A 119 -0.10 16.74 -18.05
CA MET A 119 -0.29 18.15 -17.76
C MET A 119 -1.11 18.83 -18.85
N GLY A 120 -1.30 18.21 -20.01
CA GLY A 120 -2.19 18.75 -21.01
C GLY A 120 -3.65 18.73 -20.61
N ASP A 121 -4.01 18.05 -19.54
CA ASP A 121 -5.34 18.12 -18.98
C ASP A 121 -5.35 18.65 -17.57
N VAL A 122 -4.42 19.54 -17.27
CA VAL A 122 -4.35 20.22 -15.98
C VAL A 122 -4.45 21.72 -16.24
N GLY A 123 -5.20 22.42 -15.40
CA GLY A 123 -5.28 23.86 -15.45
C GLY A 123 -6.68 24.40 -15.41
N SER A 124 -6.83 25.61 -15.93
CA SER A 124 -8.05 26.36 -15.81
CA SER A 124 -8.06 26.37 -15.82
C SER A 124 -9.19 25.60 -16.46
N GLY A 125 -10.30 25.49 -15.72
CA GLY A 125 -11.48 24.84 -16.24
C GLY A 125 -11.43 23.33 -16.31
N LYS A 126 -10.38 22.71 -15.76
CA LYS A 126 -10.16 21.28 -15.93
CA LYS A 126 -10.15 21.27 -15.94
C LYS A 126 -10.37 20.49 -14.65
N ASP A 127 -11.13 21.03 -13.70
CA ASP A 127 -11.42 20.22 -12.52
C ASP A 127 -12.23 18.98 -12.90
N SER A 128 -12.04 17.91 -12.15
CA SER A 128 -12.86 16.73 -12.26
C SER A 128 -13.47 16.40 -10.92
N ALA A 129 -14.44 15.47 -10.94
CA ALA A 129 -14.95 14.92 -9.70
C ALA A 129 -13.80 14.36 -8.87
N GLY A 130 -12.88 13.67 -9.53
CA GLY A 130 -11.77 13.06 -8.81
C GLY A 130 -10.79 14.06 -8.23
N SER A 131 -10.45 15.13 -8.96
CA SER A 131 -9.54 16.09 -8.43
C SER A 131 -10.16 16.80 -7.24
N ASN A 132 -11.43 17.15 -7.36
CA ASN A 132 -12.11 17.77 -6.23
C ASN A 132 -12.21 16.81 -5.05
N LEU A 133 -12.39 15.53 -5.29
CA LEU A 133 -12.45 14.54 -4.22
C LEU A 133 -11.14 14.51 -3.45
N ILE A 134 -10.01 14.56 -4.16
CA ILE A 134 -8.73 14.61 -3.52
C ILE A 134 -8.60 15.84 -2.65
N ILE A 135 -8.95 17.01 -3.18
CA ILE A 135 -8.89 18.23 -2.38
C ILE A 135 -9.69 18.08 -1.08
N ALA A 136 -10.91 17.58 -1.21
CA ALA A 136 -11.76 17.46 -0.04
C ALA A 136 -11.19 16.51 0.98
N ALA A 137 -10.56 15.43 0.53
CA ALA A 137 -9.97 14.46 1.45
C ALA A 137 -8.78 15.05 2.18
N VAL A 138 -7.90 15.75 1.47
CA VAL A 138 -6.75 16.37 2.10
C VAL A 138 -7.18 17.44 3.08
N ASP A 139 -8.25 18.17 2.76
CA ASP A 139 -8.73 19.22 3.63
C ASP A 139 -9.40 18.68 4.89
N LYS A 140 -9.90 17.45 4.88
CA LYS A 140 -10.71 16.91 5.97
C LYS A 140 -9.93 16.98 7.28
N ASP A 141 -10.69 17.15 8.36
CA ASP A 141 -10.16 17.25 9.71
C ASP A 141 -9.90 15.87 10.30
N ASP A 142 -9.18 15.04 9.56
CA ASP A 142 -8.66 13.77 10.04
C ASP A 142 -7.15 13.95 10.15
N PRO A 143 -6.53 13.66 11.30
CA PRO A 143 -5.09 13.91 11.45
C PRO A 143 -4.22 13.00 10.60
N ARG A 144 -4.80 11.91 10.11
CA ARG A 144 -4.04 11.00 9.30
C ARG A 144 -3.81 11.63 7.92
N PRO A 145 -2.63 11.44 7.36
CA PRO A 145 -2.39 11.89 6.00
C PRO A 145 -3.17 11.05 5.01
N VAL A 146 -3.24 11.51 3.78
CA VAL A 146 -3.86 10.69 2.79
CA VAL A 146 -3.99 10.92 2.66
C VAL A 146 -2.96 10.47 1.60
N TRP A 147 -2.96 9.19 1.21
CA TRP A 147 -2.23 8.74 0.04
C TRP A 147 -3.11 8.87 -1.17
N ALA A 148 -2.52 9.40 -2.25
CA ALA A 148 -3.12 9.34 -3.58
C ALA A 148 -2.18 8.59 -4.48
N THR A 149 -2.69 7.65 -5.26
CA THR A 149 -1.84 6.78 -6.03
C THR A 149 -2.08 6.97 -7.53
N CYS A 150 -1.06 6.60 -8.29
CA CYS A 150 -1.09 6.63 -9.75
C CYS A 150 -0.90 5.23 -10.29
N TRP A 151 -2.00 4.55 -10.58
CA TRP A 151 -1.94 3.28 -11.29
C TRP A 151 -1.76 3.51 -12.79
N GLY A 152 -2.18 4.67 -13.26
CA GLY A 152 -1.83 5.22 -14.55
C GLY A 152 -1.01 6.49 -14.28
N GLY A 153 -1.41 7.59 -14.92
CA GLY A 153 -0.77 8.86 -14.65
C GLY A 153 -1.15 9.45 -13.30
N CYS A 154 -0.52 10.57 -12.97
CA CYS A 154 -0.83 11.28 -11.72
C CYS A 154 -1.61 12.57 -11.95
N ASN A 155 -2.12 12.84 -13.16
CA ASN A 155 -2.64 14.15 -13.41
C ASN A 155 -3.90 14.53 -12.63
N THR A 156 -4.67 13.59 -12.09
CA THR A 156 -5.80 13.98 -11.25
C THR A 156 -5.32 14.56 -9.94
N ILE A 157 -4.22 14.03 -9.42
CA ILE A 157 -3.55 14.57 -8.24
C ILE A 157 -2.98 15.95 -8.61
N ALA A 158 -2.33 16.05 -9.77
CA ALA A 158 -1.77 17.34 -10.19
C ALA A 158 -2.88 18.40 -10.35
N GLN A 159 -4.04 18.03 -10.86
CA GLN A 159 -5.10 19.03 -11.01
C GLN A 159 -5.54 19.53 -9.61
N ALA A 160 -5.65 18.61 -8.65
CA ALA A 160 -6.01 18.99 -7.27
C ALA A 160 -4.99 19.99 -6.72
N VAL A 161 -3.72 19.63 -6.80
CA VAL A 161 -2.67 20.51 -6.25
C VAL A 161 -2.62 21.84 -7.02
N TRP A 162 -2.74 21.80 -8.35
CA TRP A 162 -2.74 22.99 -9.15
C TRP A 162 -3.87 23.93 -8.70
N LYS A 163 -5.04 23.38 -8.49
CA LYS A 163 -6.17 24.22 -8.09
CA LYS A 163 -6.20 24.18 -8.07
C LYS A 163 -5.90 24.86 -6.72
N VAL A 164 -5.39 24.10 -5.78
CA VAL A 164 -5.06 24.65 -4.46
C VAL A 164 -3.99 25.74 -4.59
N GLN A 165 -2.94 25.49 -5.36
CA GLN A 165 -1.92 26.50 -5.58
C GLN A 165 -2.50 27.76 -6.20
N ASN A 166 -3.48 27.61 -7.07
CA ASN A 166 -4.07 28.71 -7.83
C ASN A 166 -5.06 29.53 -7.03
N THR A 167 -5.52 29.00 -5.91
CA THR A 167 -6.62 29.62 -5.18
C THR A 167 -6.35 29.91 -3.72
N ARG A 168 -5.25 29.43 -3.16
CA ARG A 168 -4.97 29.54 -1.73
C ARG A 168 -3.64 30.21 -1.48
N SER A 169 -3.42 30.61 -0.24
CA SER A 169 -2.14 31.22 0.13
C SER A 169 -1.01 30.21 0.11
N GLN A 170 0.22 30.70 0.14
CA GLN A 170 1.36 29.83 0.24
C GLN A 170 1.28 28.93 1.48
N ALA A 171 0.94 29.51 2.62
CA ALA A 171 0.85 28.72 3.85
C ALA A 171 -0.20 27.60 3.70
N GLN A 172 -1.33 27.93 3.11
CA GLN A 172 -2.41 26.94 2.90
C GLN A 172 -1.98 25.83 1.93
N LEU A 173 -1.22 26.21 0.91
CA LEU A 173 -0.68 25.22 -0.03
C LEU A 173 0.34 24.31 0.67
N ASP A 174 1.20 24.90 1.49
CA ASP A 174 2.17 24.09 2.19
C ASP A 174 1.49 23.12 3.13
N ALA A 175 0.43 23.58 3.79
CA ALA A 175 -0.29 22.70 4.70
C ALA A 175 -0.94 21.53 3.94
N PHE A 176 -1.54 21.84 2.81
CA PHE A 176 -2.15 20.85 1.93
C PHE A 176 -1.12 19.77 1.55
N ILE A 177 0.03 20.21 1.06
CA ILE A 177 1.10 19.30 0.65
C ILE A 177 1.58 18.43 1.80
N SER A 178 1.62 18.99 3.00
CA SER A 178 2.12 18.26 4.14
C SER A 178 1.25 17.06 4.53
N LYS A 179 -0.03 17.10 4.13
CA LYS A 179 -0.96 16.07 4.47
C LYS A 179 -1.18 15.02 3.37
N LEU A 180 -0.51 15.20 2.24
CA LEU A 180 -0.62 14.32 1.07
C LEU A 180 0.64 13.46 0.97
N ARG A 181 0.49 12.28 0.34
CA ARG A 181 1.61 11.47 -0.11
C ARG A 181 1.22 10.88 -1.44
N VAL A 182 2.18 10.69 -2.33
CA VAL A 182 1.91 10.10 -3.63
C VAL A 182 2.70 8.81 -3.80
N TYR A 183 2.00 7.77 -4.27
CA TYR A 183 2.66 6.52 -4.69
C TYR A 183 2.33 6.36 -6.17
N ASP A 184 3.35 6.58 -7.00
CA ASP A 184 3.27 6.55 -8.46
C ASP A 184 3.88 5.24 -8.93
N ILE A 185 3.10 4.41 -9.64
CA ILE A 185 3.64 3.21 -10.26
C ILE A 185 4.29 3.56 -11.60
N LEU A 186 5.61 3.47 -11.62
CA LEU A 186 6.45 3.49 -12.82
C LEU A 186 6.58 4.81 -13.55
N GLY A 187 5.70 5.77 -13.38
CA GLY A 187 5.73 7.03 -14.12
C GLY A 187 5.06 6.88 -15.45
N GLN A 188 3.79 7.30 -15.49
CA GLN A 188 2.95 7.10 -16.65
C GLN A 188 2.30 8.39 -17.12
N ASP A 189 2.69 9.52 -16.56
CA ASP A 189 2.46 10.79 -17.21
C ASP A 189 3.45 11.80 -16.68
N ASN A 190 3.50 12.95 -17.36
CA ASN A 190 4.40 14.04 -17.01
CA ASN A 190 4.41 14.01 -16.96
C ASN A 190 3.89 14.84 -15.82
N ALA A 191 2.66 14.61 -15.37
CA ALA A 191 2.08 15.34 -14.25
C ALA A 191 2.67 14.90 -12.92
N GLY A 192 2.98 13.62 -12.78
CA GLY A 192 3.70 13.19 -11.58
C GLY A 192 5.03 13.88 -11.47
N THR A 193 5.74 13.97 -12.58
CA THR A 193 7.05 14.64 -12.59
C THR A 193 6.89 16.12 -12.25
N TRP A 194 5.86 16.77 -12.80
CA TRP A 194 5.56 18.15 -12.47
C TRP A 194 5.36 18.32 -10.95
N LEU A 195 4.65 17.36 -10.34
CA LEU A 195 4.46 17.41 -8.90
C LEU A 195 5.77 17.30 -8.14
N ALA A 196 6.60 16.32 -8.47
CA ALA A 196 7.85 16.10 -7.74
C ALA A 196 8.79 17.30 -7.89
N LYS A 197 8.81 17.91 -9.06
CA LYS A 197 9.67 19.06 -9.31
C LYS A 197 9.16 20.28 -8.55
N ASN A 198 7.87 20.55 -8.65
CA ASN A 198 7.34 21.81 -8.15
C ASN A 198 7.07 21.79 -6.66
N PHE A 199 6.90 20.60 -6.07
CA PHE A 199 6.54 20.48 -4.67
C PHE A 199 7.50 19.52 -4.01
N PRO A 200 8.76 19.96 -3.81
CA PRO A 200 9.76 19.04 -3.30
C PRO A 200 9.48 18.57 -1.87
N ASN A 201 8.62 19.25 -1.13
CA ASN A 201 8.25 18.74 0.19
C ASN A 201 7.16 17.70 0.19
N LEU A 202 6.59 17.40 -0.95
CA LEU A 202 5.62 16.33 -1.08
C LEU A 202 6.33 14.99 -1.05
N ILE A 203 5.94 14.08 -0.15
CA ILE A 203 6.47 12.72 -0.16
C ILE A 203 5.96 12.04 -1.41
N TYR A 204 6.89 11.61 -2.27
CA TYR A 204 6.58 11.15 -3.62
C TYR A 204 7.46 9.93 -3.91
N ILE A 205 6.81 8.80 -4.13
CA ILE A 205 7.45 7.55 -4.55
C ILE A 205 7.12 7.29 -6.00
N ARG A 206 8.14 7.02 -6.83
CA ARG A 206 7.97 6.45 -8.15
C ARG A 206 8.55 5.04 -8.10
N ALA A 207 7.69 4.06 -7.90
CA ALA A 207 8.10 2.68 -7.73
C ALA A 207 8.31 2.03 -9.09
N ARG A 208 9.41 1.34 -9.25
CA ARG A 208 9.71 0.70 -10.52
C ARG A 208 9.94 -0.78 -10.45
N SER A 209 10.25 -1.30 -9.28
CA SER A 209 10.60 -2.71 -9.15
CA SER A 209 10.59 -2.71 -9.17
C SER A 209 9.38 -3.53 -8.71
N VAL A 210 8.38 -3.55 -9.58
CA VAL A 210 7.04 -3.99 -9.24
C VAL A 210 6.67 -5.31 -9.91
N TYR A 211 7.66 -6.04 -10.42
CA TYR A 211 7.43 -7.16 -11.33
C TYR A 211 7.93 -8.51 -10.81
N SER A 212 8.49 -8.58 -9.61
CA SER A 212 9.19 -9.81 -9.17
C SER A 212 8.45 -10.62 -8.13
N TRP A 213 7.30 -10.17 -7.69
CA TRP A 213 6.58 -10.78 -6.55
C TRP A 213 5.37 -11.61 -6.96
N GLN A 214 4.95 -11.49 -8.22
CA GLN A 214 3.64 -11.92 -8.66
C GLN A 214 3.45 -13.44 -8.58
N PRO A 215 2.22 -13.88 -8.35
CA PRO A 215 1.89 -15.30 -8.39
C PRO A 215 1.69 -15.76 -9.81
N SER A 216 1.59 -17.09 -9.95
CA SER A 216 1.44 -17.71 -11.26
C SER A 216 0.03 -17.57 -11.78
N ASP A 217 -0.11 -17.78 -13.08
CA ASP A 217 -1.41 -17.80 -13.73
C ASP A 217 -2.28 -18.92 -13.18
N SER A 218 -1.71 -20.06 -12.83
CA SER A 218 -2.45 -21.18 -12.23
CA SER A 218 -2.52 -21.13 -12.27
C SER A 218 -2.97 -20.87 -10.85
N TYR A 219 -2.14 -20.21 -10.03
CA TYR A 219 -2.60 -19.71 -8.73
C TYR A 219 -3.85 -18.86 -8.93
N LEU A 220 -3.79 -17.96 -9.89
CA LEU A 220 -4.91 -17.04 -10.10
C LEU A 220 -6.16 -17.85 -10.50
N ASP A 221 -6.01 -18.78 -11.43
CA ASP A 221 -7.14 -19.55 -11.88
C ASP A 221 -7.77 -20.36 -10.75
N ASN A 222 -6.92 -21.01 -9.95
CA ASN A 222 -7.42 -21.90 -8.92
CA ASN A 222 -7.34 -21.92 -8.89
C ASN A 222 -7.91 -21.21 -7.66
N HIS A 223 -7.20 -20.19 -7.20
CA HIS A 223 -7.48 -19.59 -5.89
C HIS A 223 -8.28 -18.31 -5.97
N ILE A 224 -8.27 -17.63 -7.13
CA ILE A 224 -8.84 -16.30 -7.27
C ILE A 224 -10.04 -16.30 -8.22
N GLN A 225 -9.77 -16.61 -9.49
CA GLN A 225 -10.75 -16.39 -10.54
C GLN A 225 -11.96 -17.29 -10.45
N SER A 226 -11.79 -18.45 -9.81
CA SER A 226 -12.85 -19.41 -9.61
C SER A 226 -13.75 -19.05 -8.46
N HIS A 227 -13.36 -18.08 -7.64
CA HIS A 227 -14.07 -17.78 -6.39
C HIS A 227 -15.15 -16.71 -6.54
N GLY A 228 -16.30 -17.13 -7.04
CA GLY A 228 -17.49 -16.30 -7.05
C GLY A 228 -17.42 -15.06 -7.92
N ALA A 229 -18.27 -14.11 -7.61
CA ALA A 229 -18.51 -12.94 -8.45
C ALA A 229 -17.24 -12.10 -8.62
N LEU A 230 -16.49 -11.89 -7.54
CA LEU A 230 -15.25 -11.12 -7.66
C LEU A 230 -14.22 -11.85 -8.46
N GLY A 231 -14.15 -13.17 -8.32
CA GLY A 231 -13.24 -13.90 -9.16
C GLY A 231 -13.57 -13.79 -10.64
N ALA A 232 -14.86 -13.71 -10.95
CA ALA A 232 -15.32 -13.65 -12.32
C ALA A 232 -14.98 -12.30 -12.99
N VAL A 233 -14.69 -11.27 -12.20
CA VAL A 233 -14.26 -9.99 -12.76
C VAL A 233 -12.75 -9.73 -12.58
N TYR A 234 -12.01 -10.77 -12.21
CA TYR A 234 -10.54 -10.73 -12.14
C TYR A 234 -10.02 -11.30 -13.45
N PRO A 235 -9.53 -10.48 -14.37
CA PRO A 235 -9.18 -11.00 -15.69
C PRO A 235 -7.82 -11.67 -15.69
N ASN A 236 -7.55 -12.47 -16.72
CA ASN A 236 -6.23 -13.01 -16.92
C ASN A 236 -5.22 -11.89 -17.19
N ARG A 237 -3.98 -12.19 -16.83
CA ARG A 237 -2.83 -11.41 -17.22
C ARG A 237 -2.68 -11.27 -18.73
N ARG A 238 -2.39 -10.06 -19.18
CA ARG A 238 -2.01 -9.75 -20.57
CA ARG A 238 -2.01 -9.80 -20.56
C ARG A 238 -0.50 -9.65 -20.71
N TYR A 239 0.12 -8.87 -19.81
CA TYR A 239 1.55 -8.64 -19.77
C TYR A 239 2.06 -9.06 -18.40
N ALA A 240 1.87 -8.21 -17.39
CA ALA A 240 2.20 -8.53 -16.00
C ALA A 240 0.93 -8.58 -15.18
N THR A 241 0.94 -9.39 -14.13
CA THR A 241 -0.16 -9.44 -13.19
C THR A 241 0.00 -8.29 -12.18
N GLU A 242 -1.05 -7.50 -12.01
CA GLU A 242 -1.15 -6.56 -10.88
C GLU A 242 0.13 -5.71 -10.72
N GLY A 243 0.60 -5.07 -11.80
CA GLY A 243 1.74 -4.20 -11.68
C GLY A 243 1.51 -3.02 -10.72
N ASP A 244 0.25 -2.59 -10.56
CA ASP A 244 -0.06 -1.45 -9.73
C ASP A 244 -0.30 -1.81 -8.27
N THR A 245 -0.44 -3.08 -7.96
CA THR A 245 -0.82 -3.49 -6.59
C THR A 245 0.12 -3.04 -5.48
N PRO A 246 1.43 -2.87 -5.72
CA PRO A 246 2.28 -2.32 -4.65
C PRO A 246 1.78 -0.98 -4.12
N ALA A 247 1.07 -0.21 -4.94
CA ALA A 247 0.56 1.09 -4.54
C ALA A 247 -0.52 1.03 -3.47
N PHE A 248 -1.10 -0.11 -3.18
CA PHE A 248 -1.83 -0.28 -1.93
C PHE A 248 -1.21 -1.27 -0.98
N LEU A 249 -0.40 -2.22 -1.42
CA LEU A 249 0.25 -3.10 -0.45
C LEU A 249 1.16 -2.29 0.46
N HIS A 250 1.69 -1.17 0.02
CA HIS A 250 2.53 -0.30 0.85
C HIS A 250 1.81 0.06 2.17
N MET A 251 0.50 0.21 2.13
CA MET A 251 -0.31 0.64 3.24
C MET A 251 -1.12 -0.48 3.88
N ALA A 252 -0.84 -1.73 3.56
CA ALA A 252 -1.65 -2.86 3.98
C ALA A 252 -1.46 -3.25 5.43
N ASN A 253 -0.30 -2.91 6.03
CA ASN A 253 0.11 -3.52 7.27
C ASN A 253 0.69 -2.50 8.24
N PRO A 254 -0.18 -1.79 8.99
CA PRO A 254 0.33 -0.78 9.90
C PRO A 254 1.31 -1.29 10.95
N GLY A 255 1.18 -2.56 11.34
CA GLY A 255 2.13 -3.13 12.29
C GLY A 255 3.47 -3.48 11.69
N LEU A 256 3.53 -3.62 10.36
CA LEU A 256 4.79 -3.91 9.67
C LEU A 256 5.55 -2.64 9.33
N ASN A 257 4.87 -1.63 8.84
CA ASN A 257 5.53 -0.45 8.32
C ASN A 257 4.61 0.75 8.36
N ASP A 258 5.21 1.90 8.66
CA ASP A 258 4.57 3.18 8.50
C ASP A 258 4.90 3.67 7.09
N PRO A 259 3.89 3.71 6.19
CA PRO A 259 4.18 3.98 4.78
C PRO A 259 4.74 5.39 4.56
N SER A 260 4.56 6.31 5.51
CA SER A 260 5.14 7.64 5.38
C SER A 260 6.63 7.63 5.72
N VAL A 261 7.14 6.55 6.31
CA VAL A 261 8.57 6.38 6.56
C VAL A 261 9.01 5.40 5.49
N VAL A 262 9.34 5.94 4.32
CA VAL A 262 9.41 5.12 3.11
C VAL A 262 10.62 4.19 3.11
N SER A 263 11.60 4.43 3.96
CA SER A 263 12.73 3.53 4.10
C SER A 263 12.42 2.26 4.90
N MET A 264 11.25 2.12 5.49
CA MET A 264 11.03 0.98 6.39
C MET A 264 11.02 -0.35 5.68
N GLY A 265 10.47 -0.42 4.48
CA GLY A 265 10.22 -1.70 3.83
C GLY A 265 8.90 -2.31 4.28
N GLY A 266 8.31 -3.08 3.37
CA GLY A 266 7.00 -3.66 3.58
C GLY A 266 6.48 -4.15 2.26
N TRP A 267 5.22 -4.52 2.21
CA TRP A 267 4.68 -5.18 1.03
C TRP A 267 4.62 -4.31 -0.21
N GLY A 268 4.76 -3.00 -0.08
CA GLY A 268 4.91 -2.13 -1.24
C GLY A 268 6.34 -1.80 -1.62
N GLY A 269 7.30 -2.44 -0.97
CA GLY A 269 8.70 -2.20 -1.21
C GLY A 269 9.37 -1.27 -0.22
N ARG A 270 10.64 -1.03 -0.46
CA ARG A 270 11.51 -0.25 0.42
C ARG A 270 12.19 0.83 -0.41
N PHE A 271 12.19 2.05 0.10
CA PHE A 271 12.64 3.23 -0.66
C PHE A 271 13.69 3.98 0.16
N PRO A 272 14.96 3.59 0.03
CA PRO A 272 15.96 4.07 0.97
C PRO A 272 16.42 5.50 0.73
N SER A 273 16.18 6.05 -0.48
CA SER A 273 16.66 7.37 -0.83
C SER A 273 15.86 7.91 -1.95
N LYS A 274 15.92 9.22 -2.11
CA LYS A 274 15.49 9.87 -3.33
C LYS A 274 16.60 9.77 -4.37
N GLN A 275 16.20 9.57 -5.61
CA GLN A 275 17.10 9.58 -6.73
C GLN A 275 16.73 10.69 -7.69
N ALA A 276 17.71 11.15 -8.47
CA ALA A 276 17.50 12.21 -9.43
C ALA A 276 17.06 11.64 -10.78
N GLY A 277 16.11 12.31 -11.42
CA GLY A 277 15.78 12.03 -12.79
C GLY A 277 15.19 10.67 -13.05
N VAL A 278 14.43 10.13 -12.10
CA VAL A 278 13.83 8.79 -12.25
C VAL A 278 12.86 8.86 -13.43
N ARG A 279 13.12 8.11 -14.49
CA ARG A 279 12.34 8.21 -15.71
C ARG A 279 11.12 7.31 -15.70
N GLY A 280 10.06 7.80 -16.31
CA GLY A 280 8.83 7.06 -16.50
C GLY A 280 8.94 6.05 -17.64
N MET A 281 7.81 5.45 -17.94
CA MET A 281 7.72 4.42 -18.95
C MET A 281 7.91 4.97 -20.35
N SER A 282 8.09 4.04 -21.30
CA SER A 282 8.47 4.41 -22.66
C SER A 282 7.41 5.27 -23.36
N CYS A 283 6.15 5.18 -22.93
CA CYS A 283 5.09 5.97 -23.52
C CYS A 283 5.13 7.44 -23.13
N MET A 284 6.08 7.82 -22.27
CA MET A 284 6.31 9.22 -21.97
C MET A 284 7.79 9.60 -22.15
N SER A 285 8.46 8.93 -23.07
CA SER A 285 9.85 9.21 -23.32
C SER A 285 10.07 10.68 -23.66
N GLY A 286 11.15 11.22 -23.08
CA GLY A 286 11.53 12.61 -23.35
C GLY A 286 10.82 13.63 -22.48
N GLU A 287 9.70 13.26 -21.85
CA GLU A 287 8.87 14.22 -21.13
C GLU A 287 9.42 14.56 -19.76
N ASP A 288 10.03 13.60 -19.07
CA ASP A 288 10.54 13.88 -17.73
C ASP A 288 11.68 14.91 -17.76
N ALA A 289 12.52 14.86 -18.78
CA ALA A 289 13.78 15.57 -18.77
C ALA A 289 13.61 17.07 -18.64
N VAL A 290 12.48 17.61 -19.11
CA VAL A 290 12.28 19.04 -19.03
C VAL A 290 12.18 19.53 -17.58
N TYR A 291 11.90 18.63 -16.65
CA TYR A 291 11.80 18.94 -15.24
C TYR A 291 13.10 18.79 -14.49
N ASP A 292 14.17 18.38 -15.17
CA ASP A 292 15.42 18.14 -14.41
C ASP A 292 15.88 19.46 -13.77
N THR A 293 16.51 19.41 -12.57
CA THR A 293 16.64 18.21 -11.76
C THR A 293 15.44 18.07 -10.83
N TYR A 294 14.93 16.83 -10.73
CA TYR A 294 13.88 16.50 -9.79
C TYR A 294 14.24 15.23 -9.07
N TYR A 295 13.66 15.05 -7.88
CA TYR A 295 13.94 13.89 -7.05
C TYR A 295 12.65 13.16 -6.74
N MET A 296 12.75 11.84 -6.61
CA MET A 296 11.65 10.97 -6.24
C MET A 296 12.21 9.84 -5.43
N TYR A 297 11.49 9.38 -4.40
CA TYR A 297 11.84 8.15 -3.74
C TYR A 297 11.64 7.01 -4.72
N THR A 298 12.56 6.04 -4.72
CA THR A 298 12.41 4.88 -5.55
C THR A 298 13.26 3.78 -4.90
N GLU A 299 13.10 2.55 -5.36
CA GLU A 299 13.85 1.44 -4.78
C GLU A 299 15.31 1.56 -5.08
N ASN A 300 16.12 0.95 -4.23
CA ASN A 300 17.49 0.66 -4.57
C ASN A 300 17.69 -0.82 -4.29
N GLY A 301 17.05 -1.63 -5.11
CA GLY A 301 16.90 -3.07 -4.85
C GLY A 301 15.45 -3.51 -4.79
N GLU A 302 15.13 -4.55 -5.54
CA GLU A 302 13.81 -5.15 -5.48
C GLU A 302 13.50 -5.54 -4.03
N SER A 303 12.27 -5.34 -3.61
CA SER A 303 11.94 -5.34 -2.20
C SER A 303 10.53 -5.76 -1.89
N ILE A 304 9.87 -6.48 -2.80
CA ILE A 304 8.53 -7.00 -2.54
C ILE A 304 8.55 -8.53 -2.42
N LYS A 305 9.32 -9.18 -3.30
CA LYS A 305 9.32 -10.63 -3.36
C LYS A 305 9.58 -11.32 -2.04
N ARG A 306 10.38 -10.73 -1.18
CA ARG A 306 10.61 -11.33 0.12
C ARG A 306 9.32 -11.57 0.89
N TRP A 307 8.26 -10.81 0.62
CA TRP A 307 7.00 -10.93 1.29
C TRP A 307 5.98 -11.81 0.55
N SER A 308 6.36 -12.37 -0.60
CA SER A 308 5.42 -12.98 -1.52
CA SER A 308 5.38 -12.95 -1.49
C SER A 308 4.57 -14.07 -0.89
N THR A 309 5.15 -14.95 -0.08
CA THR A 309 4.34 -16.04 0.46
C THR A 309 3.18 -15.48 1.26
N ALA A 310 3.46 -14.50 2.13
CA ALA A 310 2.42 -13.89 2.93
C ALA A 310 1.37 -13.21 2.06
N ILE A 311 1.84 -12.48 1.05
CA ILE A 311 0.97 -11.77 0.12
C ILE A 311 0.03 -12.74 -0.59
N HIS A 312 0.57 -13.85 -1.10
CA HIS A 312 -0.25 -14.75 -1.86
C HIS A 312 -1.25 -15.50 -0.98
N ASN A 313 -0.81 -15.88 0.21
CA ASN A 313 -1.70 -16.58 1.11
C ASN A 313 -2.83 -15.66 1.58
N ASP A 314 -2.49 -14.38 1.81
CA ASP A 314 -3.47 -13.40 2.19
C ASP A 314 -4.61 -13.32 1.16
N PHE A 315 -4.27 -13.15 -0.11
CA PHE A 315 -5.29 -12.97 -1.13
C PHE A 315 -6.10 -14.26 -1.28
N GLN A 316 -5.43 -15.40 -1.23
CA GLN A 316 -6.12 -16.71 -1.28
C GLN A 316 -7.19 -16.79 -0.19
N ALA A 317 -6.83 -16.48 1.05
CA ALA A 317 -7.79 -16.55 2.15
C ALA A 317 -8.90 -15.57 1.96
N ARG A 318 -8.59 -14.36 1.48
CA ARG A 318 -9.65 -13.36 1.33
C ARG A 318 -10.65 -13.72 0.23
N MET A 319 -10.21 -14.41 -0.81
CA MET A 319 -11.15 -14.91 -1.79
C MET A 319 -12.01 -16.05 -1.24
N ASP A 320 -11.50 -16.77 -0.24
CA ASP A 320 -12.36 -17.67 0.53
C ASP A 320 -13.37 -16.92 1.34
N TRP A 321 -12.97 -15.84 1.99
CA TRP A 321 -13.93 -15.00 2.69
C TRP A 321 -15.08 -14.62 1.76
N ALA A 322 -14.74 -14.27 0.51
CA ALA A 322 -15.73 -13.79 -0.43
C ALA A 322 -16.82 -14.81 -0.76
N ILE A 323 -16.47 -16.10 -0.69
CA ILE A 323 -17.42 -17.14 -1.07
C ILE A 323 -17.95 -18.00 0.07
N GLU A 324 -17.45 -17.83 1.27
CA GLU A 324 -17.91 -18.61 2.43
C GLU A 324 -18.80 -17.76 3.32
N SER A 325 -20.03 -18.23 3.55
CA SER A 325 -20.92 -17.48 4.43
C SER A 325 -20.63 -17.74 5.92
N ASN A 326 -19.88 -18.81 6.20
CA ASN A 326 -19.54 -19.16 7.58
C ASN A 326 -18.07 -18.82 7.89
N TYR A 327 -17.86 -18.12 9.01
CA TYR A 327 -16.54 -17.81 9.50
C TYR A 327 -15.68 -19.05 9.60
N SER A 328 -16.29 -20.11 10.12
CA SER A 328 -15.61 -21.37 10.37
C SER A 328 -14.98 -21.99 9.13
N ALA A 329 -15.43 -21.54 7.95
CA ALA A 329 -15.01 -22.18 6.71
C ALA A 329 -13.79 -21.53 6.04
N ALA A 330 -13.18 -20.53 6.66
CA ALA A 330 -12.00 -19.89 6.07
C ALA A 330 -11.02 -19.56 7.18
N ASN A 331 -9.79 -19.26 6.76
CA ASN A 331 -8.76 -18.85 7.71
C ASN A 331 -8.69 -17.34 7.85
N HIS A 332 -8.40 -16.91 9.08
CA HIS A 332 -8.23 -15.50 9.41
C HIS A 332 -6.87 -15.25 10.08
N HIS A 333 -6.37 -14.04 9.95
CA HIS A 333 -5.00 -13.73 10.33
C HIS A 333 -4.78 -13.85 11.84
N PRO A 334 -3.57 -14.26 12.23
CA PRO A 334 -3.24 -14.19 13.65
C PRO A 334 -3.07 -12.74 14.10
N VAL A 335 -3.12 -12.55 15.41
CA VAL A 335 -3.20 -11.26 16.04
C VAL A 335 -1.98 -11.06 16.96
N PRO A 336 -1.06 -10.17 16.58
CA PRO A 336 0.16 -10.06 17.38
C PRO A 336 -0.03 -9.22 18.62
N VAL A 337 0.67 -9.60 19.67
CA VAL A 337 0.85 -8.78 20.88
C VAL A 337 2.32 -8.86 21.25
N VAL A 338 2.95 -7.73 21.58
CA VAL A 338 4.33 -7.71 22.04
C VAL A 338 4.37 -6.92 23.34
N ASN A 339 4.90 -7.55 24.37
CA ASN A 339 5.03 -6.96 25.69
C ASN A 339 3.70 -6.33 26.14
N ASN A 340 2.62 -7.08 25.92
CA ASN A 340 1.25 -6.67 26.29
C ASN A 340 0.75 -5.45 25.54
N ASP A 341 1.36 -5.13 24.42
CA ASP A 341 0.94 -4.03 23.58
C ASP A 341 0.29 -4.63 22.34
N ALA A 342 -1.03 -4.46 22.22
CA ALA A 342 -1.81 -5.04 21.16
C ALA A 342 -2.08 -4.06 20.00
N ASN A 343 -1.49 -2.87 20.03
CA ASN A 343 -1.77 -1.86 19.01
C ASN A 343 -1.23 -2.31 17.65
N GLU A 344 -2.05 -2.15 16.63
CA GLU A 344 -1.66 -2.40 15.25
CA GLU A 344 -1.61 -2.45 15.24
C GLU A 344 -0.93 -1.22 14.64
N ALA A 345 0.34 -1.10 14.98
CA ALA A 345 1.15 0.05 14.67
C ALA A 345 2.58 -0.37 14.92
N VAL A 346 3.53 0.32 14.34
CA VAL A 346 4.91 0.13 14.69
C VAL A 346 5.10 0.52 16.14
N MET A 347 5.84 -0.29 16.89
CA MET A 347 6.13 -0.04 18.30
C MET A 347 7.47 0.62 18.45
N TYR A 348 7.55 1.71 19.19
CA TYR A 348 8.75 2.46 19.37
C TYR A 348 9.22 2.33 20.82
N LEU A 349 10.47 1.98 21.01
CA LEU A 349 11.09 1.84 22.33
CA LEU A 349 11.08 1.83 22.33
C LEU A 349 12.41 2.57 22.33
N ASN A 350 12.79 3.10 23.48
CA ASN A 350 14.14 3.60 23.69
C ASN A 350 14.88 2.67 24.64
N ALA A 351 16.10 2.30 24.28
CA ALA A 351 16.91 1.43 25.11
C ALA A 351 18.34 1.92 25.08
N SER A 352 19.11 1.58 26.10
CA SER A 352 20.50 1.97 26.16
C SER A 352 21.37 1.05 25.32
N ALA A 353 22.47 1.62 24.81
CA ALA A 353 23.48 0.83 24.16
C ALA A 353 24.06 -0.15 25.18
N GLY A 354 24.35 -1.36 24.71
CA GLY A 354 24.92 -2.40 25.60
C GLY A 354 23.90 -2.94 26.58
N SER A 355 22.63 -2.84 26.31
CA SER A 355 21.60 -3.47 27.13
C SER A 355 20.92 -4.60 26.37
N THR A 356 20.15 -5.40 27.09
CA THR A 356 19.33 -6.45 26.46
CA THR A 356 19.34 -6.43 26.47
C THR A 356 17.87 -6.11 26.65
N VAL A 357 17.11 -6.30 25.59
CA VAL A 357 15.69 -5.99 25.55
C VAL A 357 14.86 -7.25 25.30
N SER A 358 14.04 -7.61 26.27
CA SER A 358 13.09 -8.72 26.12
CA SER A 358 13.13 -8.72 26.09
CA SER A 358 13.10 -8.71 26.13
C SER A 358 11.92 -8.30 25.25
N LEU A 359 11.60 -9.10 24.26
CA LEU A 359 10.42 -8.87 23.41
C LEU A 359 9.60 -10.16 23.44
N ASP A 360 8.44 -10.08 24.04
CA ASP A 360 7.65 -11.26 24.34
C ASP A 360 6.32 -11.18 23.62
N ALA A 361 6.12 -12.08 22.65
CA ALA A 361 4.91 -12.12 21.86
C ALA A 361 3.87 -13.09 22.41
N SER A 362 4.07 -13.61 23.62
CA SER A 362 2.99 -14.37 24.29
C SER A 362 1.68 -13.50 24.36
N GLY A 363 0.47 -14.05 24.33
CA GLY A 363 -0.52 -12.98 24.25
C GLY A 363 -1.17 -12.95 22.88
N SER A 364 -0.11 -13.07 21.88
CA SER A 364 -0.56 -13.18 20.50
C SER A 364 -1.61 -14.29 20.46
N SER A 365 -2.50 -14.22 19.49
CA SER A 365 -3.57 -15.19 19.43
C SER A 365 -3.91 -15.46 17.98
N ASP A 366 -4.72 -16.50 17.76
CA ASP A 366 -5.32 -16.73 16.46
C ASP A 366 -6.80 -16.94 16.60
N PRO A 367 -7.59 -16.23 15.80
CA PRO A 367 -9.05 -16.24 16.04
C PRO A 367 -9.73 -17.52 15.58
N ASP A 368 -9.00 -18.34 14.85
CA ASP A 368 -9.53 -19.65 14.44
C ASP A 368 -9.09 -20.75 15.39
N GLY A 369 -8.23 -20.43 16.34
CA GLY A 369 -7.65 -21.42 17.23
C GLY A 369 -6.52 -22.18 16.57
N ASP A 370 -5.92 -21.62 15.52
CA ASP A 370 -4.75 -22.25 14.94
C ASP A 370 -3.56 -22.16 15.91
N SER A 371 -2.55 -22.98 15.64
CA SER A 371 -1.26 -22.83 16.28
C SER A 371 -0.46 -21.71 15.63
N LEU A 372 0.44 -21.11 16.41
CA LEU A 372 1.25 -20.00 15.98
C LEU A 372 2.72 -20.38 15.94
N ASN A 373 3.40 -19.80 14.95
CA ASN A 373 4.85 -19.84 14.80
C ASN A 373 5.35 -18.42 14.93
N TYR A 374 6.42 -18.23 15.70
CA TYR A 374 6.96 -16.94 15.98
C TYR A 374 8.33 -16.89 15.34
N SER A 375 8.62 -15.79 14.63
CA SER A 375 9.93 -15.60 14.05
C SER A 375 10.37 -14.13 14.22
N TRP A 376 11.47 -13.92 14.94
CA TRP A 376 12.02 -12.60 15.17
C TRP A 376 13.22 -12.39 14.28
N SER A 377 13.31 -11.21 13.65
CA SER A 377 14.41 -10.92 12.78
C SER A 377 14.88 -9.49 12.94
N HIS A 378 16.16 -9.26 12.65
CA HIS A 378 16.72 -7.93 12.57
C HIS A 378 16.58 -7.39 11.15
N TYR A 379 15.79 -6.36 10.97
CA TYR A 379 15.56 -5.78 9.62
C TYR A 379 16.61 -4.71 9.37
N GLY A 380 17.85 -5.18 9.20
CA GLY A 380 18.99 -4.28 9.12
C GLY A 380 19.02 -3.37 7.90
N GLU A 381 18.32 -3.76 6.85
CA GLU A 381 18.23 -2.91 5.65
C GLU A 381 17.50 -1.61 5.99
N ALA A 382 16.60 -1.64 6.96
CA ALA A 382 15.70 -0.55 7.22
C ALA A 382 16.21 0.42 8.30
N ASP A 383 17.18 0.01 9.10
CA ASP A 383 17.55 0.78 10.26
C ASP A 383 18.90 1.48 10.07
N SER A 384 19.21 2.43 10.96
CA SER A 384 20.42 3.23 10.77
C SER A 384 21.64 2.58 11.37
N TYR A 385 21.48 1.62 12.26
CA TYR A 385 22.61 0.90 12.80
C TYR A 385 23.28 0.14 11.68
N SER A 386 24.61 0.19 11.64
CA SER A 386 25.30 -0.42 10.52
C SER A 386 25.72 -1.86 10.75
N GLY A 387 25.67 -2.30 11.99
CA GLY A 387 26.17 -3.61 12.37
C GLY A 387 25.09 -4.67 12.50
N SER A 388 25.53 -5.82 12.97
CA SER A 388 24.66 -6.97 13.19
C SER A 388 24.11 -6.92 14.63
N VAL A 389 22.95 -7.55 14.80
CA VAL A 389 22.25 -7.55 16.06
C VAL A 389 21.80 -8.96 16.36
N SER A 390 22.26 -9.48 17.49
CA SER A 390 21.88 -10.82 17.93
C SER A 390 20.53 -10.84 18.65
N ILE A 391 19.73 -11.84 18.30
CA ILE A 391 18.46 -12.08 18.94
C ILE A 391 18.46 -13.51 19.46
N SER A 392 18.36 -13.66 20.77
CA SER A 392 18.24 -14.97 21.36
C SER A 392 16.79 -15.47 21.33
N ASN A 393 16.62 -16.79 21.22
CA ASN A 393 15.32 -17.46 21.11
C ASN A 393 14.45 -16.79 20.07
N SER A 394 15.03 -16.66 18.89
CA SER A 394 14.38 -15.97 17.81
C SER A 394 13.29 -16.75 17.07
N SER A 395 13.14 -18.03 17.40
CA SER A 395 12.01 -18.82 16.91
C SER A 395 11.05 -19.16 18.01
N SER A 396 11.11 -18.40 19.10
CA SER A 396 10.21 -18.57 20.22
C SER A 396 9.38 -17.30 20.47
N ALA A 397 8.27 -17.44 21.16
CA ALA A 397 7.47 -16.27 21.47
C ALA A 397 8.25 -15.23 22.24
N SER A 398 9.11 -15.67 23.14
CA SER A 398 9.80 -14.79 24.05
C SER A 398 11.27 -14.71 23.66
N ALA A 399 11.65 -13.61 23.03
CA ALA A 399 12.98 -13.38 22.49
C ALA A 399 13.73 -12.29 23.27
N ASN A 400 15.04 -12.20 23.06
CA ASN A 400 15.86 -11.18 23.74
CA ASN A 400 15.84 -11.26 23.75
C ASN A 400 16.83 -10.61 22.77
N VAL A 401 16.79 -9.29 22.62
CA VAL A 401 17.63 -8.56 21.68
C VAL A 401 18.80 -7.96 22.41
N GLN A 402 20.01 -8.25 21.95
CA GLN A 402 21.20 -7.64 22.48
C GLN A 402 21.48 -6.35 21.74
N ILE A 403 21.36 -5.22 22.42
CA ILE A 403 21.62 -3.92 21.81
C ILE A 403 23.12 -3.67 21.89
N PRO A 404 23.82 -3.58 20.75
CA PRO A 404 25.29 -3.44 20.82
C PRO A 404 25.71 -2.21 21.61
N SER A 405 26.89 -2.32 22.25
CA SER A 405 27.47 -1.21 22.94
C SER A 405 27.80 -0.04 22.04
N ASN A 406 27.99 -0.32 20.75
CA ASN A 406 28.38 0.71 19.78
C ASN A 406 27.19 1.27 19.00
N ALA A 407 25.97 1.02 19.46
CA ALA A 407 24.76 1.41 18.71
C ALA A 407 24.20 2.78 19.09
N GLY A 408 24.85 3.50 19.98
CA GLY A 408 24.33 4.78 20.38
C GLY A 408 24.06 5.74 19.23
N GLY A 409 22.93 6.42 19.33
CA GLY A 409 22.53 7.37 18.33
C GLY A 409 21.97 6.77 17.05
N LYS A 410 21.76 5.46 17.03
CA LYS A 410 21.17 4.78 15.88
C LYS A 410 19.85 4.14 16.30
N ASP A 411 19.13 3.63 15.32
CA ASP A 411 17.98 2.77 15.62
C ASP A 411 18.21 1.38 15.09
N ILE A 412 17.45 0.46 15.67
CA ILE A 412 17.52 -0.97 15.37
C ILE A 412 16.08 -1.43 15.18
N HIS A 413 15.78 -2.00 14.03
CA HIS A 413 14.44 -2.48 13.72
C HIS A 413 14.39 -3.99 13.89
N ILE A 414 13.52 -4.44 14.80
CA ILE A 414 13.29 -5.85 15.05
C ILE A 414 11.90 -6.19 14.60
N LEU A 415 11.74 -7.22 13.78
CA LEU A 415 10.45 -7.63 13.29
C LEU A 415 9.99 -8.95 13.85
N LEU A 416 8.78 -8.97 14.42
CA LEU A 416 8.07 -10.22 14.69
C LEU A 416 7.25 -10.55 13.45
N THR A 417 7.45 -11.74 12.91
CA THR A 417 6.54 -12.34 11.96
C THR A 417 5.84 -13.52 12.64
N LEU A 418 4.52 -13.42 12.68
CA LEU A 418 3.68 -14.42 13.26
CA LEU A 418 3.65 -14.47 13.24
C LEU A 418 3.04 -15.20 12.08
N ARG A 419 2.98 -16.52 12.16
CA ARG A 419 2.41 -17.35 11.09
C ARG A 419 1.55 -18.40 11.72
N ASP A 420 0.30 -18.51 11.26
CA ASP A 420 -0.58 -19.57 11.73
C ASP A 420 -0.43 -20.82 10.89
N ASN A 421 -1.02 -21.92 11.36
CA ASN A 421 -1.02 -23.19 10.62
C ASN A 421 -2.38 -23.50 10.01
N GLY A 422 -3.18 -22.48 9.74
CA GLY A 422 -4.39 -22.61 8.99
C GLY A 422 -4.14 -22.76 7.49
N SER A 423 -5.24 -22.84 6.75
CA SER A 423 -5.15 -23.15 5.31
CA SER A 423 -5.20 -23.18 5.30
C SER A 423 -5.78 -22.00 4.50
N PRO A 424 -4.95 -21.25 3.74
CA PRO A 424 -3.49 -21.32 3.75
C PRO A 424 -2.92 -20.59 5.00
N ASN A 425 -1.64 -20.79 5.28
CA ASN A 425 -1.06 -20.15 6.47
C ASN A 425 -1.15 -18.63 6.31
N LEU A 426 -1.61 -17.95 7.35
CA LEU A 426 -1.69 -16.51 7.32
C LEU A 426 -0.70 -15.89 8.30
N TYR A 427 -0.25 -14.69 7.91
CA TYR A 427 0.84 -13.99 8.58
C TYR A 427 0.34 -12.71 9.23
N ALA A 428 1.08 -12.28 10.25
CA ALA A 428 0.91 -10.95 10.83
C ALA A 428 2.24 -10.47 11.33
N TYR A 429 2.34 -9.16 11.57
CA TYR A 429 3.62 -8.52 11.83
C TYR A 429 3.53 -7.55 12.98
N ARG A 430 4.65 -7.43 13.71
CA ARG A 430 4.88 -6.27 14.56
CA ARG A 430 4.88 -6.28 14.58
C ARG A 430 6.34 -5.87 14.48
N ARG A 431 6.61 -4.68 13.98
CA ARG A 431 7.92 -4.08 14.03
C ARG A 431 8.11 -3.33 15.33
N VAL A 432 9.26 -3.56 15.95
CA VAL A 432 9.72 -2.86 17.11
C VAL A 432 10.94 -2.04 16.71
N VAL A 433 10.80 -0.72 16.71
CA VAL A 433 11.90 0.19 16.40
C VAL A 433 12.50 0.62 17.72
N ILE A 434 13.76 0.29 17.93
CA ILE A 434 14.48 0.58 19.16
C ILE A 434 15.47 1.70 18.88
N ASN A 435 15.20 2.87 19.45
CA ASN A 435 16.07 4.02 19.38
CA ASN A 435 16.13 3.95 19.35
C ASN A 435 17.11 3.88 20.50
N VAL A 436 18.38 3.87 20.14
CA VAL A 436 19.42 3.53 21.08
C VAL A 436 20.09 4.77 21.51
N GLN A 437 20.20 4.87 22.83
CA GLN A 437 21.03 5.88 23.46
C GLN A 437 22.35 5.34 24.05
#